data_6ZPU
#
_entry.id   6ZPU
#
_cell.length_a   58.453
_cell.length_b   84.904
_cell.length_c   128.154
_cell.angle_alpha   90.000
_cell.angle_beta   90.000
_cell.angle_gamma   90.000
#
_symmetry.space_group_name_H-M   'P 21 21 21'
#
loop_
_entity.id
_entity.type
_entity.pdbx_description
1 polymer 'Angiotensin-converting enzyme'
2 branched beta-D-mannopyranose-(1-4)-2-acetamido-2-deoxy-beta-D-glucopyranose-(1-4)-2-acetamido-2-deoxy-beta-D-glucopyranose
3 branched 2-acetamido-2-deoxy-beta-D-glucopyranose-(1-2)-alpha-D-mannopyranose-(1-3)-[2-acetamido-2-deoxy-beta-D-glucopyranose-(1-2)-alpha-D-mannopyranose-(1-6)]beta-D-mannopyranose-(1-4)-2-acetamido-2-deoxy-beta-D-glucopyranose-(1-4)-[alpha-L-fucopyranose-(1-6)]2-acetamido-2-deoxy-beta-D-glucopyranose
4 non-polymer 'ACETATE ION'
5 non-polymer 1,2-ETHANEDIOL
6 non-polymer 'ZINC ION'
7 non-polymer 'CHLORIDE ION'
8 water water
#
_entity_poly.entity_id   1
_entity_poly.type   'polypeptide(L)'
_entity_poly.pdbx_seq_one_letter_code
;LVTDEAEASKFVEEYDRTSQVVWNEYAGANWNYNTNITTETSKILLQKNMQIAQHTLKYGTQARKFDVNQLQNTTIKRII
KKVQDLERAALPAQELEEYNKILLDMETTYSVATVCHPQGSCLQLEPDLTNVMATSRKYEDLLWAWEGWRDKAGRAILQF
YPKYVELINQAARLNGYVDAGDSWRSMYETPSLEQDLERLFQELQPLYLNLHAYVRRALHRHYGAQHINLEGPIPAHLLG
NMWAQTWSNIYDLVVPFPSAPSMDTTEAMLKQGWTPRRMFKEADDFFTSLGLLPVPPEFWQKSMLEKPTDGREVVCHASA
WDFYNGKDFRIKQCTTVNLEDLVVAHHEMGHIQYFMQYKDLPVALREGANPGFHEAIGDVLALSVSTPKHLHSLNLLSSE
GGSDEHDINFLMKMALDKIAFIPFSYLVDQWRWRVFDGSITKENYNQEWWSLRLKYQGLCPPVPRTQGDFDPGAKFHIPS
SVPYIRYFVSFIIQFQFHEALCQAAGHTGPLHKCDIYQSKEAGQRLATAMKLGFSRPWPEAMQLITGQPQMSASAMLSYF
KPLLDWLRTENELHGEKLGWPQYNWTPNSARSEGPLP
;
_entity_poly.pdbx_strand_id   A
#
# COMPACT_ATOMS: atom_id res chain seq x y z
N GLU A 5 18.87 -8.62 35.59
CA GLU A 5 17.99 -7.58 35.08
C GLU A 5 18.81 -6.34 34.71
N ALA A 6 19.79 -6.01 35.55
CA ALA A 6 20.70 -4.91 35.23
C ALA A 6 21.54 -5.24 34.01
N GLU A 7 21.78 -6.52 33.74
CA GLU A 7 22.53 -6.90 32.54
C GLU A 7 21.71 -6.64 31.29
N ALA A 8 20.42 -6.98 31.31
CA ALA A 8 19.55 -6.71 30.16
C ALA A 8 19.51 -5.23 29.84
N SER A 9 19.43 -4.39 30.87
CA SER A 9 19.42 -2.94 30.64
C SER A 9 20.73 -2.48 30.01
N LYS A 10 21.85 -3.02 30.48
CA LYS A 10 23.13 -2.71 29.85
C LYS A 10 23.11 -3.12 28.39
N PHE A 11 22.59 -4.32 28.10
CA PHE A 11 22.52 -4.79 26.72
C PHE A 11 21.69 -3.85 25.86
N VAL A 12 20.53 -3.39 26.36
CA VAL A 12 19.66 -2.53 25.57
C VAL A 12 20.35 -1.22 25.23
N GLU A 13 21.09 -0.67 26.19
CA GLU A 13 21.81 0.58 25.93
C GLU A 13 22.85 0.40 24.82
N GLU A 14 23.64 -0.67 24.92
CA GLU A 14 24.66 -0.93 23.90
C GLU A 14 24.02 -1.16 22.54
N TYR A 15 22.88 -1.85 22.51
CA TYR A 15 22.21 -2.12 21.25
C TYR A 15 21.74 -0.83 20.59
N ASP A 16 21.04 0.01 21.34
CA ASP A 16 20.54 1.27 20.79
C ASP A 16 21.69 2.12 20.25
N ARG A 17 22.77 2.26 21.03
CA ARG A 17 23.87 3.11 20.62
C ARG A 17 24.56 2.58 19.37
N THR A 18 24.92 1.29 19.37
CA THR A 18 25.67 0.74 18.24
C THR A 18 24.79 0.57 17.02
N SER A 19 23.51 0.22 17.21
N SER A 19 23.51 0.23 17.19
CA SER A 19 22.62 0.00 16.07
CA SER A 19 22.64 0.01 16.04
C SER A 19 22.49 1.28 15.23
C SER A 19 22.45 1.28 15.22
N GLN A 20 22.39 2.43 15.89
CA GLN A 20 22.15 3.68 15.17
C GLN A 20 23.19 3.93 14.08
N VAL A 21 24.46 3.63 14.38
CA VAL A 21 25.52 3.93 13.43
C VAL A 21 25.46 3.00 12.23
N VAL A 22 25.18 1.71 12.48
CA VAL A 22 25.18 0.73 11.41
C VAL A 22 23.91 0.85 10.56
N TRP A 23 22.77 1.11 11.20
CA TRP A 23 21.52 1.25 10.45
C TRP A 23 21.53 2.53 9.63
N ASN A 24 22.11 3.61 10.15
CA ASN A 24 22.25 4.84 9.38
C ASN A 24 23.15 4.61 8.16
N GLU A 25 24.26 3.88 8.35
CA GLU A 25 25.11 3.50 7.23
C GLU A 25 24.31 2.78 6.15
N TYR A 26 23.60 1.72 6.54
CA TYR A 26 22.86 0.93 5.57
C TYR A 26 21.79 1.77 4.88
N ALA A 27 21.05 2.58 5.65
CA ALA A 27 20.05 3.46 5.06
C ALA A 27 20.66 4.35 3.98
N GLY A 28 21.82 4.93 4.27
CA GLY A 28 22.50 5.75 3.27
C GLY A 28 22.82 4.96 2.02
N ALA A 29 23.40 3.76 2.19
CA ALA A 29 23.71 2.93 1.03
C ALA A 29 22.43 2.56 0.29
N ASN A 30 21.40 2.14 1.02
CA ASN A 30 20.15 1.76 0.37
C ASN A 30 19.54 2.93 -0.38
N TRP A 31 19.67 4.14 0.17
CA TRP A 31 19.16 5.33 -0.52
C TRP A 31 19.96 5.62 -1.79
N ASN A 32 21.28 5.46 -1.73
CA ASN A 32 22.12 5.76 -2.89
C ASN A 32 21.82 4.82 -4.06
N TYR A 33 21.42 3.59 -3.77
CA TYR A 33 21.00 2.69 -4.84
C TYR A 33 19.59 3.04 -5.33
N ASN A 34 18.67 3.28 -4.39
CA ASN A 34 17.28 3.55 -4.78
C ASN A 34 17.17 4.80 -5.64
N THR A 35 18.04 5.78 -5.44
CA THR A 35 18.00 7.02 -6.21
C THR A 35 19.07 7.07 -7.28
N ASN A 36 19.71 5.94 -7.59
CA ASN A 36 20.74 5.88 -8.63
C ASN A 36 21.14 4.44 -8.88
N ILE A 37 20.27 3.67 -9.55
CA ILE A 37 20.54 2.26 -9.79
C ILE A 37 21.73 2.16 -10.74
N THR A 38 22.85 1.66 -10.22
CA THR A 38 24.06 1.42 -11.01
C THR A 38 24.73 0.18 -10.45
N THR A 39 25.74 -0.31 -11.17
CA THR A 39 26.51 -1.44 -10.67
C THR A 39 27.33 -1.04 -9.45
N GLU A 40 27.82 0.19 -9.40
CA GLU A 40 28.59 0.63 -8.24
C GLU A 40 27.71 0.80 -7.01
N THR A 41 26.58 1.49 -7.16
CA THR A 41 25.67 1.65 -6.02
C THR A 41 25.09 0.30 -5.60
N SER A 42 24.90 -0.62 -6.54
CA SER A 42 24.45 -1.97 -6.20
C SER A 42 25.51 -2.71 -5.39
N LYS A 43 26.77 -2.64 -5.83
CA LYS A 43 27.86 -3.31 -5.13
C LYS A 43 27.96 -2.82 -3.69
N ILE A 44 27.89 -1.50 -3.49
CA ILE A 44 28.03 -0.93 -2.16
C ILE A 44 26.90 -1.41 -1.24
N LEU A 45 25.68 -1.45 -1.76
CA LEU A 45 24.55 -1.86 -0.94
C LEU A 45 24.69 -3.31 -0.49
N LEU A 46 25.07 -4.20 -1.40
CA LEU A 46 25.31 -5.59 -1.02
C LEU A 46 26.41 -5.68 0.03
N GLN A 47 27.47 -4.87 -0.13
CA GLN A 47 28.52 -4.79 0.89
C GLN A 47 27.92 -4.47 2.25
N LYS A 48 27.21 -3.34 2.34
CA LYS A 48 26.67 -2.90 3.62
C LYS A 48 25.62 -3.87 4.16
N ASN A 49 24.98 -4.65 3.28
CA ASN A 49 24.11 -5.72 3.75
C ASN A 49 24.87 -6.71 4.62
N MET A 50 26.11 -7.04 4.23
CA MET A 50 26.94 -7.90 5.06
C MET A 50 27.21 -7.24 6.42
N GLN A 51 27.54 -5.96 6.41
CA GLN A 51 27.91 -5.26 7.64
C GLN A 51 26.76 -5.25 8.63
N ILE A 52 25.57 -4.83 8.19
CA ILE A 52 24.42 -4.75 9.09
C ILE A 52 24.06 -6.13 9.61
N ALA A 53 24.30 -7.18 8.82
CA ALA A 53 23.98 -8.53 9.27
C ALA A 53 24.89 -8.96 10.42
N GLN A 54 26.19 -8.65 10.32
CA GLN A 54 27.10 -8.99 11.41
C GLN A 54 26.71 -8.30 12.70
N HIS A 55 26.19 -7.08 12.62
CA HIS A 55 25.70 -6.41 13.81
C HIS A 55 24.44 -7.10 14.33
N THR A 56 23.49 -7.36 13.45
CA THR A 56 22.29 -8.10 13.85
C THR A 56 22.66 -9.46 14.43
N LEU A 57 23.61 -10.15 13.81
CA LEU A 57 24.02 -11.45 14.31
C LEU A 57 24.65 -11.34 15.69
N LYS A 58 25.48 -10.32 15.90
CA LYS A 58 26.17 -10.17 17.18
C LYS A 58 25.17 -9.93 18.32
N TYR A 59 24.32 -8.92 18.17
CA TYR A 59 23.41 -8.57 19.26
C TYR A 59 22.17 -9.45 19.31
N GLY A 60 21.86 -10.16 18.24
CA GLY A 60 20.74 -11.08 18.26
C GLY A 60 21.06 -12.35 19.02
N THR A 61 22.28 -12.87 18.84
CA THR A 61 22.68 -14.05 19.59
C THR A 61 22.79 -13.74 21.08
N GLN A 62 23.24 -12.54 21.44
CA GLN A 62 23.26 -12.14 22.83
C GLN A 62 21.84 -12.02 23.38
N ALA A 63 20.95 -11.36 22.62
CA ALA A 63 19.56 -11.21 23.05
C ALA A 63 18.92 -12.57 23.32
N ARG A 64 19.35 -13.61 22.61
CA ARG A 64 18.79 -14.95 22.78
C ARG A 64 19.36 -15.69 23.98
N LYS A 65 20.30 -15.08 24.72
CA LYS A 65 20.78 -15.66 25.97
C LYS A 65 19.94 -15.26 27.17
N PHE A 66 19.16 -14.18 27.05
CA PHE A 66 18.23 -13.80 28.09
C PHE A 66 16.96 -14.64 28.00
N ASP A 67 16.36 -14.93 29.15
CA ASP A 67 15.02 -15.52 29.22
C ASP A 67 14.06 -14.36 29.48
N VAL A 68 13.39 -13.91 28.43
CA VAL A 68 12.61 -12.68 28.52
C VAL A 68 11.42 -12.86 29.46
N ASN A 69 10.87 -14.07 29.54
CA ASN A 69 9.77 -14.33 30.46
C ASN A 69 10.17 -14.15 31.92
N GLN A 70 11.47 -14.09 32.21
CA GLN A 70 11.96 -13.86 33.56
C GLN A 70 12.27 -12.40 33.84
N LEU A 71 12.03 -11.51 32.86
CA LEU A 71 12.35 -10.10 33.03
C LEU A 71 11.16 -9.36 33.63
N GLN A 72 11.47 -8.42 34.54
CA GLN A 72 10.41 -7.66 35.21
C GLN A 72 9.89 -6.52 34.32
N ASN A 73 10.78 -5.66 33.86
CA ASN A 73 10.36 -4.48 33.11
C ASN A 73 9.76 -4.91 31.77
N THR A 74 8.51 -4.49 31.51
CA THR A 74 7.83 -4.91 30.29
C THR A 74 8.38 -4.20 29.06
N THR A 75 8.87 -2.97 29.22
CA THR A 75 9.48 -2.27 28.09
C THR A 75 10.77 -2.97 27.66
N ILE A 76 11.62 -3.32 28.63
CA ILE A 76 12.84 -4.04 28.31
C ILE A 76 12.52 -5.41 27.73
N LYS A 77 11.42 -6.03 28.18
CA LYS A 77 11.01 -7.32 27.62
C LYS A 77 10.69 -7.18 26.14
N ARG A 78 9.84 -6.21 25.78
CA ARG A 78 9.48 -6.03 24.38
C ARG A 78 10.72 -5.77 23.52
N ILE A 79 11.67 -4.99 24.03
CA ILE A 79 12.86 -4.68 23.25
C ILE A 79 13.65 -5.94 22.93
N ILE A 80 13.92 -6.75 23.96
CA ILE A 80 14.80 -7.90 23.78
C ILE A 80 14.14 -8.96 22.90
N LYS A 81 12.81 -9.11 22.98
CA LYS A 81 12.12 -10.01 22.07
C LYS A 81 12.33 -9.59 20.62
N LYS A 82 12.26 -8.28 20.34
CA LYS A 82 12.48 -7.80 18.98
C LYS A 82 13.89 -8.13 18.50
N VAL A 83 14.89 -7.81 19.32
CA VAL A 83 16.27 -7.99 18.91
C VAL A 83 16.61 -9.46 18.68
N GLN A 84 15.85 -10.38 19.28
CA GLN A 84 16.11 -11.81 19.08
C GLN A 84 15.82 -12.25 17.65
N ASP A 85 14.98 -11.52 16.92
CA ASP A 85 14.70 -11.83 15.53
C ASP A 85 15.86 -11.35 14.67
N LEU A 86 16.59 -12.29 14.06
CA LEU A 86 17.70 -11.94 13.19
C LEU A 86 17.26 -11.57 11.78
N GLU A 87 16.02 -11.88 11.41
CA GLU A 87 15.52 -11.65 10.05
C GLU A 87 16.50 -12.33 9.08
N ARG A 88 16.92 -11.67 8.00
CA ARG A 88 17.74 -12.36 7.01
C ARG A 88 19.17 -12.59 7.53
N ALA A 89 19.60 -11.90 8.58
CA ALA A 89 20.92 -12.13 9.14
C ALA A 89 21.04 -13.50 9.79
N ALA A 90 19.94 -14.28 9.87
CA ALA A 90 20.01 -15.64 10.35
C ALA A 90 20.59 -16.59 9.31
N LEU A 91 20.55 -16.22 8.03
CA LEU A 91 21.08 -17.07 6.98
C LEU A 91 22.61 -17.12 7.04
N PRO A 92 23.21 -18.26 6.70
CA PRO A 92 24.67 -18.29 6.52
C PRO A 92 25.11 -17.28 5.47
N ALA A 93 26.37 -16.86 5.58
CA ALA A 93 26.85 -15.74 4.79
C ALA A 93 26.67 -15.99 3.29
N GLN A 94 27.06 -17.19 2.82
CA GLN A 94 26.93 -17.46 1.40
C GLN A 94 25.47 -17.36 0.95
N GLU A 95 24.55 -17.91 1.75
CA GLU A 95 23.13 -17.83 1.41
C GLU A 95 22.62 -16.41 1.54
N LEU A 96 23.08 -15.68 2.56
CA LEU A 96 22.66 -14.29 2.71
C LEU A 96 23.10 -13.45 1.52
N GLU A 97 24.33 -13.67 1.04
CA GLU A 97 24.79 -12.96 -0.16
C GLU A 97 23.88 -13.26 -1.34
N GLU A 98 23.53 -14.53 -1.53
CA GLU A 98 22.64 -14.90 -2.63
C GLU A 98 21.26 -14.31 -2.45
N TYR A 99 20.72 -14.33 -1.22
CA TYR A 99 19.39 -13.78 -0.97
C TYR A 99 19.38 -12.28 -1.22
N ASN A 100 20.37 -11.56 -0.70
CA ASN A 100 20.42 -10.11 -0.91
C ASN A 100 20.57 -9.78 -2.38
N LYS A 101 21.36 -10.56 -3.11
CA LYS A 101 21.50 -10.37 -4.55
C LYS A 101 20.16 -10.56 -5.25
N ILE A 102 19.39 -11.57 -4.85
CA ILE A 102 18.10 -11.84 -5.46
C ILE A 102 17.15 -10.67 -5.23
N LEU A 103 17.04 -10.23 -3.97
CA LEU A 103 16.17 -9.09 -3.67
C LEU A 103 16.52 -7.89 -4.55
N LEU A 104 17.81 -7.66 -4.78
CA LEU A 104 18.23 -6.51 -5.57
C LEU A 104 17.92 -6.71 -7.05
N ASP A 105 18.18 -7.92 -7.57
CA ASP A 105 17.87 -8.20 -8.96
C ASP A 105 16.38 -8.04 -9.23
N MET A 106 15.53 -8.56 -8.34
CA MET A 106 14.08 -8.40 -8.51
C MET A 106 13.69 -6.93 -8.45
N GLU A 107 14.22 -6.19 -7.48
N GLU A 107 14.24 -6.20 -7.48
CA GLU A 107 13.88 -4.78 -7.35
CA GLU A 107 13.92 -4.79 -7.32
C GLU A 107 14.35 -3.99 -8.57
C GLU A 107 14.37 -3.97 -8.53
N THR A 108 15.56 -4.27 -9.06
CA THR A 108 16.06 -3.55 -10.22
C THR A 108 15.23 -3.89 -11.46
N THR A 109 15.00 -5.18 -11.69
CA THR A 109 14.20 -5.61 -12.84
C THR A 109 12.88 -4.87 -12.90
N TYR A 110 12.14 -4.86 -11.78
CA TYR A 110 10.86 -4.15 -11.75
C TYR A 110 11.02 -2.67 -12.08
N SER A 111 12.05 -2.02 -11.53
CA SER A 111 12.13 -0.57 -11.56
C SER A 111 12.61 -0.01 -12.90
N VAL A 112 13.31 -0.81 -13.70
CA VAL A 112 13.79 -0.36 -15.01
C VAL A 112 13.02 -0.98 -16.15
N ALA A 113 11.98 -1.77 -15.86
CA ALA A 113 11.18 -2.36 -16.92
C ALA A 113 10.45 -1.27 -17.70
N THR A 114 10.34 -1.48 -19.00
CA THR A 114 9.70 -0.53 -19.90
C THR A 114 8.88 -1.30 -20.92
N VAL A 115 7.83 -0.68 -21.42
CA VAL A 115 6.96 -1.25 -22.45
C VAL A 115 7.06 -0.36 -23.68
N CYS A 116 7.54 -0.92 -24.78
CA CYS A 116 7.89 -0.14 -25.96
C CYS A 116 6.87 -0.36 -27.07
N HIS A 117 6.52 0.72 -27.74
CA HIS A 117 5.81 0.62 -29.01
C HIS A 117 6.80 0.20 -30.09
N PRO A 118 6.46 -0.77 -30.93
CA PRO A 118 7.41 -1.16 -31.99
C PRO A 118 7.83 0.03 -32.83
N GLN A 119 9.13 0.27 -32.93
CA GLN A 119 9.66 1.41 -33.67
C GLN A 119 9.15 2.73 -33.11
N GLY A 120 8.78 2.74 -31.83
CA GLY A 120 8.25 3.92 -31.19
C GLY A 120 8.87 4.17 -29.83
N SER A 121 8.17 4.95 -29.01
CA SER A 121 8.68 5.31 -27.69
C SER A 121 8.55 4.15 -26.72
N CYS A 122 9.41 4.16 -25.71
CA CYS A 122 9.36 3.18 -24.62
C CYS A 122 8.80 3.86 -23.38
N LEU A 123 7.77 3.25 -22.81
CA LEU A 123 7.04 3.82 -21.69
C LEU A 123 7.46 3.14 -20.38
N GLN A 124 7.68 3.95 -19.36
CA GLN A 124 7.92 3.46 -18.02
C GLN A 124 6.61 3.41 -17.25
N LEU A 125 6.59 2.60 -16.19
CA LEU A 125 5.39 2.49 -15.38
C LEU A 125 4.93 3.85 -14.87
N GLU A 126 5.86 4.65 -14.35
CA GLU A 126 5.55 5.97 -13.83
C GLU A 126 6.28 7.01 -14.66
N PRO A 127 5.60 7.99 -15.27
CA PRO A 127 4.14 8.23 -15.26
C PRO A 127 3.39 7.65 -16.46
N ASP A 128 4.11 7.09 -17.43
CA ASP A 128 3.53 6.82 -18.74
C ASP A 128 2.42 5.78 -18.66
N LEU A 129 2.75 4.56 -18.20
CA LEU A 129 1.76 3.49 -18.18
C LEU A 129 0.67 3.77 -17.16
N THR A 130 1.03 4.36 -16.01
CA THR A 130 0.03 4.75 -15.03
C THR A 130 -0.97 5.72 -15.64
N ASN A 131 -0.50 6.64 -16.50
CA ASN A 131 -1.41 7.62 -17.08
C ASN A 131 -2.31 6.99 -18.14
N VAL A 132 -1.77 6.04 -18.91
CA VAL A 132 -2.61 5.35 -19.90
C VAL A 132 -3.76 4.64 -19.22
N MET A 133 -3.45 3.84 -18.19
CA MET A 133 -4.50 3.11 -17.48
C MET A 133 -5.54 4.06 -16.91
N ALA A 134 -5.13 5.26 -16.48
CA ALA A 134 -6.03 6.15 -15.77
C ALA A 134 -6.90 6.97 -16.69
N THR A 135 -6.46 7.23 -17.93
CA THR A 135 -7.14 8.17 -18.81
C THR A 135 -7.64 7.55 -20.11
N SER A 136 -7.04 6.45 -20.57
CA SER A 136 -7.50 5.83 -21.81
C SER A 136 -8.85 5.17 -21.59
N ARG A 137 -9.75 5.36 -22.58
CA ARG A 137 -11.07 4.74 -22.56
C ARG A 137 -11.26 3.80 -23.75
N LYS A 138 -10.16 3.28 -24.29
CA LYS A 138 -10.18 2.43 -25.47
C LYS A 138 -9.69 1.05 -25.07
N TYR A 139 -10.56 0.06 -25.24
CA TYR A 139 -10.29 -1.31 -24.79
C TYR A 139 -8.90 -1.77 -25.20
N GLU A 140 -8.51 -1.49 -26.44
CA GLU A 140 -7.27 -2.05 -26.99
C GLU A 140 -6.03 -1.35 -26.45
N ASP A 141 -6.10 -0.03 -26.23
CA ASP A 141 -4.96 0.68 -25.67
C ASP A 141 -4.73 0.27 -24.23
N LEU A 142 -5.81 0.16 -23.45
CA LEU A 142 -5.68 -0.33 -22.08
C LEU A 142 -5.10 -1.73 -22.04
N LEU A 143 -5.54 -2.59 -22.96
CA LEU A 143 -5.03 -3.96 -23.01
C LEU A 143 -3.55 -3.98 -23.37
N TRP A 144 -3.11 -3.06 -24.24
CA TRP A 144 -1.72 -3.03 -24.64
C TRP A 144 -0.82 -2.73 -23.45
N ALA A 145 -1.20 -1.76 -22.62
CA ALA A 145 -0.41 -1.43 -21.44
C ALA A 145 -0.51 -2.53 -20.39
N TRP A 146 -1.72 -3.05 -20.17
CA TRP A 146 -1.92 -4.07 -19.14
C TRP A 146 -1.11 -5.34 -19.45
N GLU A 147 -1.20 -5.82 -20.69
CA GLU A 147 -0.45 -7.02 -21.08
C GLU A 147 1.02 -6.71 -21.25
N GLY A 148 1.35 -5.52 -21.75
CA GLY A 148 2.75 -5.15 -21.93
C GLY A 148 3.51 -5.13 -20.62
N TRP A 149 2.90 -4.54 -19.58
CA TRP A 149 3.59 -4.44 -18.29
C TRP A 149 3.83 -5.82 -17.68
N ARG A 150 2.89 -6.75 -17.87
CA ARG A 150 3.06 -8.08 -17.31
C ARG A 150 4.06 -8.91 -18.09
N ASP A 151 4.17 -8.70 -19.41
CA ASP A 151 5.17 -9.41 -20.18
C ASP A 151 6.58 -9.00 -19.79
N LYS A 152 6.80 -7.70 -19.55
CA LYS A 152 8.14 -7.20 -19.30
C LYS A 152 8.53 -7.32 -17.83
N ALA A 153 7.65 -6.89 -16.92
CA ALA A 153 7.95 -6.91 -15.50
C ALA A 153 7.64 -8.27 -14.87
N GLY A 154 6.42 -8.77 -15.07
CA GLY A 154 6.02 -10.03 -14.47
C GLY A 154 6.89 -11.20 -14.87
N ARG A 155 7.00 -11.44 -16.18
CA ARG A 155 7.80 -12.56 -16.66
C ARG A 155 9.23 -12.46 -16.18
N ALA A 156 9.77 -11.24 -16.11
CA ALA A 156 11.17 -11.05 -15.76
C ALA A 156 11.46 -11.40 -14.30
N ILE A 157 10.44 -11.40 -13.44
CA ILE A 157 10.64 -11.73 -12.03
C ILE A 157 10.53 -13.23 -11.76
N LEU A 158 9.88 -13.99 -12.64
CA LEU A 158 9.58 -15.39 -12.34
C LEU A 158 10.84 -16.19 -12.05
N GLN A 159 11.92 -15.94 -12.78
CA GLN A 159 13.13 -16.75 -12.62
C GLN A 159 13.75 -16.58 -11.23
N PHE A 160 13.42 -15.51 -10.52
CA PHE A 160 14.00 -15.26 -9.20
C PHE A 160 13.13 -15.78 -8.05
N TYR A 161 11.82 -15.85 -8.25
CA TYR A 161 10.90 -15.95 -7.13
C TYR A 161 11.00 -17.29 -6.39
N PRO A 162 11.10 -18.42 -7.10
CA PRO A 162 11.22 -19.69 -6.37
C PRO A 162 12.38 -19.73 -5.38
N LYS A 163 13.53 -19.18 -5.76
CA LYS A 163 14.68 -19.18 -4.84
C LYS A 163 14.51 -18.14 -3.75
N TYR A 164 13.90 -16.99 -4.08
CA TYR A 164 13.53 -16.02 -3.06
C TYR A 164 12.67 -16.65 -1.97
N VAL A 165 11.63 -17.39 -2.38
CA VAL A 165 10.76 -18.04 -1.41
C VAL A 165 11.55 -19.03 -0.57
N GLU A 166 12.38 -19.84 -1.22
CA GLU A 166 13.19 -20.83 -0.50
C GLU A 166 14.01 -20.17 0.59
N LEU A 167 14.61 -19.01 0.31
CA LEU A 167 15.54 -18.40 1.25
C LEU A 167 14.83 -17.59 2.32
N ILE A 168 13.78 -16.85 1.96
CA ILE A 168 13.07 -16.08 2.98
C ILE A 168 12.40 -17.01 3.97
N ASN A 169 11.92 -18.17 3.51
CA ASN A 169 11.38 -19.17 4.44
C ASN A 169 12.46 -19.72 5.35
N GLN A 170 13.65 -20.00 4.81
CA GLN A 170 14.72 -20.53 5.64
C GLN A 170 15.08 -19.56 6.76
N ALA A 171 15.20 -18.28 6.42
CA ALA A 171 15.49 -17.27 7.44
C ALA A 171 14.41 -17.29 8.52
N ALA A 172 13.15 -17.33 8.11
CA ALA A 172 12.05 -17.34 9.08
C ALA A 172 12.17 -18.54 10.01
N ARG A 173 12.36 -19.74 9.44
CA ARG A 173 12.47 -20.94 10.27
C ARG A 173 13.63 -20.82 11.25
N LEU A 174 14.76 -20.27 10.79
CA LEU A 174 15.90 -20.09 11.68
C LEU A 174 15.64 -19.08 12.78
N ASN A 175 14.63 -18.21 12.60
CA ASN A 175 14.19 -17.29 13.63
C ASN A 175 13.01 -17.84 14.41
N GLY A 176 12.66 -19.11 14.22
CA GLY A 176 11.66 -19.78 15.03
C GLY A 176 10.25 -19.77 14.47
N TYR A 177 10.06 -19.34 13.23
CA TYR A 177 8.74 -19.33 12.61
C TYR A 177 8.59 -20.53 11.69
N VAL A 178 7.35 -20.76 11.25
CA VAL A 178 7.07 -21.89 10.37
C VAL A 178 7.47 -21.56 8.93
N ASP A 179 7.25 -20.32 8.52
CA ASP A 179 7.60 -19.86 7.18
C ASP A 179 7.57 -18.34 7.20
N ALA A 180 7.87 -17.73 6.04
CA ALA A 180 7.99 -16.27 5.99
C ALA A 180 6.66 -15.59 6.28
N GLY A 181 5.53 -16.20 5.88
CA GLY A 181 4.24 -15.59 6.16
C GLY A 181 3.90 -15.61 7.64
N ASP A 182 4.24 -16.71 8.31
CA ASP A 182 4.14 -16.77 9.77
C ASP A 182 4.93 -15.64 10.41
N SER A 183 6.17 -15.44 9.95
CA SER A 183 6.99 -14.35 10.47
C SER A 183 6.32 -12.99 10.24
N TRP A 184 5.82 -12.75 9.03
CA TRP A 184 5.15 -11.49 8.74
C TRP A 184 3.93 -11.29 9.62
N ARG A 185 3.08 -12.32 9.73
CA ARG A 185 1.86 -12.19 10.51
C ARG A 185 2.16 -11.86 11.97
N SER A 186 3.30 -12.35 12.49
CA SER A 186 3.65 -12.09 13.88
C SER A 186 3.85 -10.61 14.17
N MET A 187 4.02 -9.77 13.13
CA MET A 187 4.19 -8.33 13.34
C MET A 187 3.00 -7.72 14.06
N TYR A 188 1.82 -8.33 13.97
CA TYR A 188 0.63 -7.81 14.64
C TYR A 188 0.43 -8.38 16.03
N GLU A 189 1.28 -9.34 16.44
CA GLU A 189 1.17 -10.08 17.69
C GLU A 189 -0.28 -10.26 18.12
N THR A 190 -1.05 -10.95 17.27
CA THR A 190 -2.45 -11.27 17.47
C THR A 190 -2.69 -12.72 17.05
N PRO A 191 -2.88 -13.64 17.99
CA PRO A 191 -3.09 -15.05 17.59
C PRO A 191 -4.24 -15.23 16.61
N SER A 192 -5.30 -14.43 16.74
CA SER A 192 -6.51 -14.59 15.94
C SER A 192 -6.47 -13.81 14.63
N LEU A 193 -5.29 -13.39 14.18
CA LEU A 193 -5.22 -12.41 13.10
C LEU A 193 -6.00 -12.84 11.87
N GLU A 194 -5.79 -14.06 11.39
CA GLU A 194 -6.40 -14.48 10.14
C GLU A 194 -7.93 -14.47 10.23
N GLN A 195 -8.47 -14.92 11.37
CA GLN A 195 -9.92 -14.90 11.53
C GLN A 195 -10.45 -13.47 11.63
N ASP A 196 -9.76 -12.60 12.36
CA ASP A 196 -10.19 -11.21 12.46
C ASP A 196 -10.23 -10.55 11.09
N LEU A 197 -9.20 -10.80 10.27
CA LEU A 197 -9.19 -10.23 8.93
C LEU A 197 -10.31 -10.79 8.07
N GLU A 198 -10.56 -12.10 8.18
CA GLU A 198 -11.64 -12.72 7.42
C GLU A 198 -12.98 -12.11 7.79
N ARG A 199 -13.24 -11.92 9.08
CA ARG A 199 -14.51 -11.34 9.50
C ARG A 199 -14.63 -9.89 9.02
N LEU A 200 -13.55 -9.12 9.13
CA LEU A 200 -13.58 -7.74 8.61
C LEU A 200 -13.90 -7.74 7.12
N PHE A 201 -13.25 -8.62 6.36
CA PHE A 201 -13.52 -8.71 4.93
C PHE A 201 -14.98 -9.05 4.69
N GLN A 202 -15.53 -10.01 5.44
CA GLN A 202 -16.92 -10.41 5.24
C GLN A 202 -17.89 -9.27 5.54
N GLU A 203 -17.58 -8.45 6.55
CA GLU A 203 -18.46 -7.33 6.87
C GLU A 203 -18.57 -6.34 5.71
N LEU A 204 -17.53 -6.25 4.88
CA LEU A 204 -17.49 -5.32 3.76
C LEU A 204 -17.90 -5.96 2.45
N GLN A 205 -18.26 -7.25 2.45
CA GLN A 205 -18.68 -7.91 1.22
C GLN A 205 -19.94 -7.28 0.63
N PRO A 206 -21.03 -7.10 1.38
CA PRO A 206 -22.22 -6.47 0.76
C PRO A 206 -21.89 -5.18 0.03
N LEU A 207 -21.08 -4.31 0.65
CA LEU A 207 -20.75 -3.04 0.02
C LEU A 207 -19.95 -3.25 -1.26
N TYR A 208 -18.92 -4.12 -1.21
CA TYR A 208 -18.11 -4.34 -2.39
C TYR A 208 -18.93 -4.96 -3.52
N LEU A 209 -19.77 -5.97 -3.20
CA LEU A 209 -20.56 -6.62 -4.23
C LEU A 209 -21.47 -5.62 -4.94
N ASN A 210 -22.10 -4.73 -4.17
CA ASN A 210 -22.98 -3.74 -4.78
C ASN A 210 -22.20 -2.73 -5.60
N LEU A 211 -21.01 -2.32 -5.13
CA LEU A 211 -20.15 -1.47 -5.94
C LEU A 211 -19.74 -2.18 -7.22
N HIS A 212 -19.24 -3.41 -7.08
CA HIS A 212 -18.84 -4.22 -8.24
C HIS A 212 -19.95 -4.27 -9.28
N ALA A 213 -21.18 -4.59 -8.86
CA ALA A 213 -22.27 -4.74 -9.81
C ALA A 213 -22.60 -3.43 -10.49
N TYR A 214 -22.65 -2.33 -9.73
CA TYR A 214 -22.97 -1.03 -10.32
C TYR A 214 -21.88 -0.60 -11.30
N VAL A 215 -20.61 -0.77 -10.93
CA VAL A 215 -19.51 -0.43 -11.83
C VAL A 215 -19.54 -1.33 -13.06
N ARG A 216 -19.82 -2.61 -12.87
CA ARG A 216 -19.97 -3.52 -14.00
C ARG A 216 -21.04 -3.02 -14.97
N ARG A 217 -22.15 -2.53 -14.42
CA ARG A 217 -23.21 -1.99 -15.26
C ARG A 217 -22.74 -0.78 -16.05
N ALA A 218 -21.98 0.11 -15.40
CA ALA A 218 -21.49 1.31 -16.08
C ALA A 218 -20.51 0.95 -17.19
N LEU A 219 -19.56 0.05 -16.91
CA LEU A 219 -18.65 -0.41 -17.96
C LEU A 219 -19.42 -1.08 -19.09
N HIS A 220 -20.53 -1.74 -18.77
CA HIS A 220 -21.33 -2.43 -19.78
C HIS A 220 -21.85 -1.45 -20.83
N ARG A 221 -22.27 -0.25 -20.41
CA ARG A 221 -22.82 0.71 -21.35
C ARG A 221 -21.75 1.53 -22.05
N HIS A 222 -20.51 1.53 -21.56
CA HIS A 222 -19.44 2.24 -22.25
C HIS A 222 -18.67 1.33 -23.20
N TYR A 223 -18.24 0.16 -22.74
CA TYR A 223 -17.40 -0.72 -23.53
C TYR A 223 -18.20 -1.74 -24.34
N GLY A 224 -19.51 -1.81 -24.15
CA GLY A 224 -20.34 -2.64 -25.00
C GLY A 224 -20.75 -3.95 -24.38
N ALA A 225 -21.98 -4.37 -24.70
CA ALA A 225 -22.50 -5.64 -24.20
C ALA A 225 -21.62 -6.82 -24.61
N GLN A 226 -20.91 -6.69 -25.74
CA GLN A 226 -20.08 -7.78 -26.21
C GLN A 226 -18.79 -7.95 -25.41
N HIS A 227 -18.48 -7.03 -24.49
CA HIS A 227 -17.26 -7.11 -23.71
C HIS A 227 -17.49 -7.10 -22.22
N ILE A 228 -18.73 -6.92 -21.76
CA ILE A 228 -19.05 -6.96 -20.34
C ILE A 228 -20.21 -7.93 -20.15
N ASN A 229 -19.99 -8.97 -19.36
CA ASN A 229 -21.05 -9.90 -18.98
C ASN A 229 -21.60 -9.47 -17.63
N LEU A 230 -22.90 -9.17 -17.60
CA LEU A 230 -23.56 -8.64 -16.40
C LEU A 230 -23.69 -9.68 -15.29
N GLU A 231 -23.32 -10.93 -15.53
CA GLU A 231 -23.35 -11.96 -14.50
C GLU A 231 -21.97 -12.59 -14.30
N GLY A 232 -20.92 -11.91 -14.75
CA GLY A 232 -19.58 -12.45 -14.67
C GLY A 232 -18.58 -11.44 -14.13
N PRO A 233 -17.32 -11.84 -14.07
CA PRO A 233 -16.28 -10.92 -13.58
C PRO A 233 -15.97 -9.81 -14.58
N ILE A 234 -15.34 -8.77 -14.06
CA ILE A 234 -14.96 -7.59 -14.86
C ILE A 234 -13.56 -7.80 -15.43
N PRO A 235 -13.33 -7.52 -16.71
CA PRO A 235 -11.96 -7.58 -17.23
C PRO A 235 -11.05 -6.62 -16.46
N ALA A 236 -9.87 -7.11 -16.09
CA ALA A 236 -9.03 -6.47 -15.08
C ALA A 236 -8.36 -5.18 -15.56
N HIS A 237 -8.50 -4.81 -16.83
CA HIS A 237 -7.77 -3.67 -17.38
C HIS A 237 -8.64 -2.42 -17.55
N LEU A 238 -9.89 -2.45 -17.08
CA LEU A 238 -10.84 -1.39 -17.37
C LEU A 238 -11.14 -0.50 -16.17
N LEU A 239 -10.42 -0.66 -15.06
CA LEU A 239 -10.77 -0.01 -13.81
C LEU A 239 -9.93 1.23 -13.52
N GLY A 240 -9.11 1.66 -14.47
CA GLY A 240 -8.37 2.90 -14.31
C GLY A 240 -7.04 2.77 -13.61
N ASN A 241 -6.62 1.54 -13.29
CA ASN A 241 -5.44 1.29 -12.48
C ASN A 241 -4.78 0.03 -12.98
N MET A 242 -3.44 0.02 -13.00
CA MET A 242 -2.73 -1.12 -13.59
C MET A 242 -3.13 -2.43 -12.92
N TRP A 243 -3.47 -2.41 -11.63
CA TRP A 243 -3.80 -3.62 -10.90
C TRP A 243 -5.27 -3.68 -10.49
N ALA A 244 -6.10 -2.79 -11.02
CA ALA A 244 -7.51 -2.71 -10.62
C ALA A 244 -7.65 -2.73 -9.10
N GLN A 245 -6.69 -2.10 -8.41
CA GLN A 245 -6.72 -2.08 -6.95
C GLN A 245 -7.46 -0.87 -6.42
N THR A 246 -7.52 0.22 -7.19
CA THR A 246 -8.38 1.36 -6.90
C THR A 246 -9.02 1.78 -8.20
N TRP A 247 -10.27 2.24 -8.12
CA TRP A 247 -11.09 2.44 -9.31
C TRP A 247 -11.46 3.89 -9.59
N SER A 248 -10.95 4.84 -8.81
CA SER A 248 -11.51 6.19 -8.90
C SER A 248 -11.16 6.90 -10.19
N ASN A 249 -10.26 6.36 -11.01
CA ASN A 249 -9.95 7.00 -12.28
C ASN A 249 -11.04 6.78 -13.34
N ILE A 250 -11.99 5.86 -13.09
CA ILE A 250 -13.14 5.70 -13.97
C ILE A 250 -14.39 6.33 -13.36
N TYR A 251 -14.22 7.26 -12.42
CA TYR A 251 -15.35 8.01 -11.87
C TYR A 251 -16.20 8.62 -12.98
N ASP A 252 -15.57 9.04 -14.07
CA ASP A 252 -16.31 9.66 -15.16
C ASP A 252 -17.32 8.71 -15.78
N LEU A 253 -17.01 7.41 -15.81
CA LEU A 253 -17.91 6.42 -16.41
C LEU A 253 -19.04 6.01 -15.48
N VAL A 254 -18.89 6.19 -14.18
CA VAL A 254 -19.81 5.62 -13.21
C VAL A 254 -20.54 6.65 -12.37
N VAL A 255 -20.15 7.92 -12.43
CA VAL A 255 -20.76 8.91 -11.52
C VAL A 255 -22.27 8.92 -11.73
N PRO A 256 -23.08 8.80 -10.68
CA PRO A 256 -24.53 8.65 -10.89
C PRO A 256 -25.28 9.92 -11.24
N PHE A 257 -24.76 11.11 -10.93
CA PHE A 257 -25.49 12.34 -11.20
C PHE A 257 -24.66 13.42 -11.89
N ASP A 264 -12.12 18.88 -13.40
CA ASP A 264 -10.91 18.06 -13.41
C ASP A 264 -9.86 18.66 -12.48
N THR A 265 -9.51 17.91 -11.44
CA THR A 265 -8.57 18.42 -10.43
C THR A 265 -7.14 18.42 -10.94
N THR A 266 -6.77 17.49 -11.81
CA THR A 266 -5.42 17.49 -12.37
C THR A 266 -5.16 18.77 -13.15
N GLU A 267 -6.11 19.16 -14.01
CA GLU A 267 -5.97 20.41 -14.75
C GLU A 267 -5.84 21.60 -13.82
N ALA A 268 -6.57 21.58 -12.70
CA ALA A 268 -6.54 22.71 -11.77
C ALA A 268 -5.19 22.80 -11.08
N MET A 269 -4.61 21.67 -10.69
CA MET A 269 -3.31 21.68 -10.04
C MET A 269 -2.24 22.19 -10.99
N LEU A 270 -2.24 21.70 -12.24
CA LEU A 270 -1.23 22.14 -13.20
C LEU A 270 -1.39 23.62 -13.54
N LYS A 271 -2.58 24.03 -13.95
CA LYS A 271 -2.77 25.41 -14.38
C LYS A 271 -2.48 26.41 -13.27
N GLN A 272 -2.73 26.03 -12.02
CA GLN A 272 -2.56 26.93 -10.89
C GLN A 272 -1.17 26.84 -10.27
N GLY A 273 -0.26 26.11 -10.89
CA GLY A 273 1.14 26.15 -10.50
C GLY A 273 1.55 25.19 -9.42
N TRP A 274 0.79 24.13 -9.19
CA TRP A 274 1.22 23.12 -8.23
C TRP A 274 2.44 22.39 -8.78
N THR A 275 3.37 22.11 -7.89
CA THR A 275 4.59 21.37 -8.20
C THR A 275 4.73 20.27 -7.15
N PRO A 276 5.61 19.30 -7.38
CA PRO A 276 5.88 18.30 -6.33
C PRO A 276 6.18 18.94 -4.98
N ARG A 277 7.06 19.96 -4.94
CA ARG A 277 7.41 20.55 -3.65
C ARG A 277 6.24 21.29 -3.02
N ARG A 278 5.35 21.86 -3.83
CA ARG A 278 4.18 22.52 -3.27
C ARG A 278 3.14 21.50 -2.80
N MET A 279 3.08 20.33 -3.43
CA MET A 279 2.21 19.26 -2.95
C MET A 279 2.64 18.81 -1.56
N PHE A 280 3.93 18.52 -1.39
CA PHE A 280 4.43 18.09 -0.08
C PHE A 280 4.35 19.22 0.93
N LYS A 281 4.51 20.46 0.48
CA LYS A 281 4.34 21.60 1.39
C LYS A 281 2.90 21.68 1.90
N GLU A 282 1.91 21.49 1.01
CA GLU A 282 0.52 21.52 1.44
C GLU A 282 0.23 20.40 2.45
N ALA A 283 0.83 19.23 2.24
CA ALA A 283 0.72 18.16 3.23
C ALA A 283 1.35 18.60 4.55
N ASP A 284 2.55 19.19 4.48
CA ASP A 284 3.22 19.67 5.68
C ASP A 284 2.36 20.70 6.41
N ASP A 285 1.74 21.61 5.67
CA ASP A 285 0.88 22.62 6.29
C ASP A 285 -0.32 21.98 6.98
N PHE A 286 -0.83 20.87 6.45
CA PHE A 286 -1.98 20.22 7.07
C PHE A 286 -1.60 19.62 8.42
N PHE A 287 -0.45 18.95 8.48
CA PHE A 287 0.02 18.41 9.76
C PHE A 287 0.18 19.52 10.79
N THR A 288 0.83 20.62 10.41
CA THR A 288 1.04 21.69 11.37
C THR A 288 -0.26 22.40 11.74
N SER A 289 -1.28 22.35 10.87
CA SER A 289 -2.59 22.86 11.26
C SER A 289 -3.17 22.05 12.40
N LEU A 290 -2.82 20.77 12.49
CA LEU A 290 -3.23 19.92 13.59
C LEU A 290 -2.37 20.10 14.83
N GLY A 291 -1.31 20.89 14.76
CA GLY A 291 -0.35 20.97 15.84
C GLY A 291 0.71 19.89 15.81
N LEU A 292 0.84 19.17 14.71
CA LEU A 292 1.84 18.12 14.58
C LEU A 292 3.15 18.72 14.08
N LEU A 293 4.16 17.88 13.93
CA LEU A 293 5.51 18.38 13.70
C LEU A 293 5.72 18.72 12.23
N PRO A 294 6.38 19.84 11.92
CA PRO A 294 6.84 20.09 10.56
C PRO A 294 8.08 19.27 10.24
N VAL A 295 8.29 19.03 8.95
CA VAL A 295 9.46 18.28 8.51
C VAL A 295 10.67 19.20 8.59
N PRO A 296 11.85 18.71 8.98
CA PRO A 296 13.00 19.60 9.16
C PRO A 296 13.47 20.18 7.83
N PRO A 297 14.31 21.23 7.87
CA PRO A 297 14.91 21.72 6.62
C PRO A 297 15.71 20.66 5.88
N GLU A 298 16.33 19.72 6.60
CA GLU A 298 17.10 18.66 5.94
C GLU A 298 16.22 17.79 5.07
N PHE A 299 14.93 17.71 5.35
CA PHE A 299 14.02 16.92 4.53
C PHE A 299 13.91 17.50 3.11
N TRP A 300 13.68 18.82 3.02
CA TRP A 300 13.61 19.47 1.72
C TRP A 300 14.95 19.46 1.00
N GLN A 301 16.05 19.33 1.73
CA GLN A 301 17.38 19.37 1.13
C GLN A 301 17.74 18.02 0.50
N LYS A 302 17.37 16.91 1.14
CA LYS A 302 17.86 15.61 0.74
C LYS A 302 16.83 14.71 0.08
N SER A 303 15.54 15.02 0.19
CA SER A 303 14.52 14.17 -0.42
C SER A 303 14.62 14.21 -1.94
N MET A 304 14.17 13.13 -2.58
CA MET A 304 14.01 13.06 -4.02
C MET A 304 12.51 13.08 -4.28
N LEU A 305 11.97 14.26 -4.56
CA LEU A 305 10.53 14.43 -4.71
C LEU A 305 10.08 14.46 -6.16
N GLU A 306 11.01 14.37 -7.12
CA GLU A 306 10.67 14.31 -8.53
C GLU A 306 11.51 13.24 -9.20
N LYS A 307 10.97 12.70 -10.29
CA LYS A 307 11.74 11.80 -11.14
C LYS A 307 12.96 12.55 -11.68
N PRO A 308 14.17 12.02 -11.52
CA PRO A 308 15.34 12.71 -12.06
C PRO A 308 15.19 12.94 -13.56
N THR A 309 15.81 14.02 -14.04
CA THR A 309 15.77 14.39 -15.44
C THR A 309 17.09 14.15 -16.16
N ASP A 310 18.08 13.57 -15.47
CA ASP A 310 19.38 13.27 -16.06
C ASP A 310 19.48 11.83 -16.54
N GLY A 311 18.34 11.19 -16.85
CA GLY A 311 18.36 9.82 -17.30
C GLY A 311 18.77 8.81 -16.26
N ARG A 312 18.79 9.20 -14.98
CA ARG A 312 19.09 8.26 -13.91
C ARG A 312 18.02 7.20 -13.80
N GLU A 313 18.44 5.95 -13.58
CA GLU A 313 17.51 4.90 -13.18
C GLU A 313 17.29 4.98 -11.67
N VAL A 314 16.03 4.96 -11.25
CA VAL A 314 15.69 5.06 -9.84
C VAL A 314 14.53 4.11 -9.55
N VAL A 315 14.31 3.87 -8.26
CA VAL A 315 13.11 3.20 -7.78
C VAL A 315 12.05 4.28 -7.59
N CYS A 316 11.08 4.34 -8.49
CA CYS A 316 10.14 5.45 -8.49
C CYS A 316 9.02 5.27 -7.48
N HIS A 317 8.68 4.03 -7.13
CA HIS A 317 7.59 3.79 -6.19
C HIS A 317 7.82 4.58 -4.91
N ALA A 318 6.84 5.40 -4.54
CA ALA A 318 6.99 6.29 -3.39
C ALA A 318 7.32 5.50 -2.13
N SER A 319 8.15 6.10 -1.29
CA SER A 319 8.53 5.48 -0.02
C SER A 319 9.09 6.53 0.93
N ALA A 320 8.92 6.29 2.22
CA ALA A 320 9.40 7.18 3.27
C ALA A 320 10.54 6.51 4.03
N TRP A 321 11.54 7.30 4.42
CA TRP A 321 12.81 6.78 4.91
C TRP A 321 13.17 7.38 6.26
N ASP A 322 13.53 6.52 7.20
CA ASP A 322 14.10 6.89 8.49
C ASP A 322 15.57 6.50 8.48
N PHE A 323 16.45 7.47 8.74
CA PHE A 323 17.89 7.21 8.78
C PHE A 323 18.41 7.02 10.21
N TYR A 324 17.51 6.87 11.18
CA TYR A 324 17.84 6.34 12.51
C TYR A 324 18.80 7.24 13.27
N ASN A 325 18.78 8.55 13.01
CA ASN A 325 19.56 9.49 13.80
C ASN A 325 18.71 10.61 14.39
N GLY A 326 17.38 10.47 14.35
CA GLY A 326 16.50 11.47 14.89
C GLY A 326 16.46 12.78 14.16
N LYS A 327 17.14 12.90 13.02
CA LYS A 327 17.21 14.18 12.32
C LYS A 327 16.96 14.04 10.82
N ASP A 328 17.39 12.92 10.24
CA ASP A 328 17.38 12.74 8.78
C ASP A 328 16.21 11.84 8.40
N PHE A 329 15.16 12.45 7.83
CA PHE A 329 14.00 11.74 7.30
C PHE A 329 13.76 12.21 5.88
N ARG A 330 13.48 11.27 4.97
CA ARG A 330 13.37 11.60 3.56
C ARG A 330 12.24 10.83 2.91
N ILE A 331 11.70 11.40 1.84
CA ILE A 331 10.77 10.73 0.95
C ILE A 331 11.41 10.64 -0.42
N LYS A 332 11.22 9.50 -1.08
CA LYS A 332 11.66 9.26 -2.44
C LYS A 332 10.43 8.97 -3.28
N GLN A 333 10.03 9.92 -4.12
CA GLN A 333 8.81 9.76 -4.90
C GLN A 333 8.98 10.45 -6.25
N CYS A 334 8.62 9.73 -7.32
CA CYS A 334 8.58 10.30 -8.67
C CYS A 334 7.22 10.98 -8.85
N THR A 335 7.08 12.13 -8.20
CA THR A 335 5.77 12.73 -8.01
C THR A 335 5.22 13.32 -9.30
N THR A 336 3.94 13.06 -9.54
CA THR A 336 3.20 13.62 -10.66
C THR A 336 2.16 14.60 -10.11
N VAL A 337 1.96 15.71 -10.82
CA VAL A 337 1.05 16.74 -10.34
C VAL A 337 -0.38 16.34 -10.68
N ASN A 338 -0.98 15.51 -9.81
CA ASN A 338 -2.40 15.21 -9.89
C ASN A 338 -2.89 14.95 -8.47
N LEU A 339 -4.20 14.73 -8.33
CA LEU A 339 -4.78 14.54 -7.01
C LEU A 339 -4.36 13.20 -6.42
N GLU A 340 -4.37 12.14 -7.23
CA GLU A 340 -3.91 10.83 -6.78
C GLU A 340 -2.58 10.93 -6.05
N ASP A 341 -1.60 11.59 -6.68
CA ASP A 341 -0.28 11.69 -6.08
C ASP A 341 -0.24 12.69 -4.93
N LEU A 342 -1.14 13.67 -4.90
CA LEU A 342 -1.27 14.48 -3.70
C LEU A 342 -1.67 13.62 -2.52
N VAL A 343 -2.54 12.64 -2.75
CA VAL A 343 -2.92 11.71 -1.69
C VAL A 343 -1.74 10.83 -1.30
N VAL A 344 -0.99 10.35 -2.30
CA VAL A 344 0.21 9.57 -2.00
C VAL A 344 1.19 10.39 -1.16
N ALA A 345 1.39 11.67 -1.53
CA ALA A 345 2.29 12.52 -0.77
C ALA A 345 1.86 12.63 0.68
N HIS A 346 0.54 12.75 0.93
CA HIS A 346 0.04 12.76 2.30
C HIS A 346 0.32 11.42 3.00
N HIS A 347 0.09 10.32 2.29
CA HIS A 347 0.43 9.00 2.84
C HIS A 347 1.89 8.95 3.25
N GLU A 348 2.80 9.39 2.38
CA GLU A 348 4.22 9.34 2.68
C GLU A 348 4.58 10.28 3.82
N MET A 349 3.96 11.46 3.87
CA MET A 349 4.22 12.40 4.95
C MET A 349 3.72 11.87 6.29
N GLY A 350 2.77 10.93 6.28
CA GLY A 350 2.33 10.32 7.52
C GLY A 350 3.38 9.38 8.09
N HIS A 351 4.08 8.65 7.22
CA HIS A 351 5.23 7.86 7.66
C HIS A 351 6.26 8.77 8.33
N ILE A 352 6.57 9.91 7.70
CA ILE A 352 7.58 10.81 8.26
C ILE A 352 7.15 11.31 9.63
N GLN A 353 5.89 11.74 9.75
CA GLN A 353 5.39 12.19 11.04
C GLN A 353 5.62 11.15 12.12
N TYR A 354 5.25 9.90 11.83
CA TYR A 354 5.47 8.80 12.76
C TYR A 354 6.93 8.70 13.15
N PHE A 355 7.83 8.69 12.15
CA PHE A 355 9.26 8.67 12.41
C PHE A 355 9.65 9.75 13.42
N MET A 356 9.22 10.98 13.16
CA MET A 356 9.60 12.09 14.03
C MET A 356 8.97 11.97 15.41
N GLN A 357 7.77 11.40 15.50
CA GLN A 357 7.09 11.34 16.78
C GLN A 357 7.79 10.40 17.74
N TYR A 358 8.23 9.23 17.27
CA TYR A 358 8.85 8.25 18.15
C TYR A 358 10.39 8.25 18.04
N LYS A 359 10.98 9.31 17.49
CA LYS A 359 12.43 9.31 17.27
C LYS A 359 13.23 9.18 18.55
N ASP A 360 12.66 9.55 19.69
CA ASP A 360 13.37 9.50 20.97
C ASP A 360 13.14 8.20 21.72
N LEU A 361 12.38 7.26 21.16
CA LEU A 361 12.21 5.96 21.77
C LEU A 361 13.45 5.10 21.58
N PRO A 362 13.58 4.03 22.35
CA PRO A 362 14.62 3.03 22.04
C PRO A 362 14.45 2.52 20.61
N VAL A 363 15.59 2.17 20.00
CA VAL A 363 15.61 1.85 18.58
C VAL A 363 14.58 0.78 18.24
N ALA A 364 14.60 -0.34 18.99
CA ALA A 364 13.76 -1.47 18.64
C ALA A 364 12.28 -1.17 18.77
N LEU A 365 11.90 -0.13 19.50
CA LEU A 365 10.50 0.25 19.66
C LEU A 365 10.08 1.35 18.68
N ARG A 366 10.96 1.71 17.75
CA ARG A 366 10.64 2.72 16.74
C ARG A 366 9.95 2.06 15.56
N GLU A 367 8.73 1.59 15.82
CA GLU A 367 7.85 1.04 14.79
C GLU A 367 6.44 1.50 15.07
N GLY A 368 5.57 1.34 14.08
CA GLY A 368 4.15 1.56 14.32
C GLY A 368 3.61 0.60 15.35
N ALA A 369 2.50 0.99 15.99
CA ALA A 369 1.84 0.09 16.93
C ALA A 369 1.66 -1.28 16.28
N ASN A 370 1.24 -1.28 15.02
CA ASN A 370 1.45 -2.40 14.11
C ASN A 370 1.69 -1.78 12.73
N PRO A 371 2.13 -2.55 11.74
CA PRO A 371 2.41 -1.93 10.43
C PRO A 371 1.23 -1.19 9.83
N GLY A 372 0.00 -1.64 10.09
CA GLY A 372 -1.16 -0.93 9.57
C GLY A 372 -1.25 0.49 10.10
N PHE A 373 -0.93 0.69 11.37
CA PHE A 373 -0.92 2.03 11.94
C PHE A 373 -0.01 2.96 11.16
N HIS A 374 1.18 2.48 10.77
CA HIS A 374 2.12 3.31 10.04
C HIS A 374 1.54 3.75 8.71
N GLU A 375 0.80 2.86 8.04
CA GLU A 375 0.22 3.18 6.75
C GLU A 375 -1.01 4.07 6.85
N ALA A 376 -1.65 4.15 8.02
CA ALA A 376 -2.94 4.81 8.13
C ALA A 376 -2.85 6.30 8.42
N ILE A 377 -1.77 6.75 9.07
CA ILE A 377 -1.73 8.12 9.57
C ILE A 377 -1.95 9.11 8.43
N GLY A 378 -1.14 9.01 7.37
CA GLY A 378 -1.29 9.93 6.26
C GLY A 378 -2.65 9.83 5.60
N ASP A 379 -3.15 8.61 5.44
CA ASP A 379 -4.46 8.41 4.82
C ASP A 379 -5.57 9.09 5.61
N VAL A 380 -5.45 9.14 6.94
CA VAL A 380 -6.48 9.80 7.74
C VAL A 380 -6.59 11.27 7.35
N LEU A 381 -5.46 11.97 7.27
CA LEU A 381 -5.50 13.36 6.87
C LEU A 381 -6.02 13.52 5.44
N ALA A 382 -5.65 12.59 4.56
CA ALA A 382 -6.08 12.69 3.17
C ALA A 382 -7.59 12.59 3.04
N LEU A 383 -8.24 11.84 3.94
CA LEU A 383 -9.71 11.78 3.90
C LEU A 383 -10.31 13.18 4.05
N SER A 384 -9.70 14.02 4.88
CA SER A 384 -10.19 15.39 5.03
C SER A 384 -9.82 16.24 3.83
N VAL A 385 -8.62 16.06 3.29
CA VAL A 385 -8.18 16.84 2.14
C VAL A 385 -9.06 16.55 0.93
N SER A 386 -9.56 15.32 0.80
CA SER A 386 -10.33 14.92 -0.36
C SER A 386 -11.77 15.41 -0.35
N THR A 387 -12.25 15.96 0.76
CA THR A 387 -13.63 16.40 0.80
C THR A 387 -13.85 17.55 -0.18
N PRO A 388 -15.04 17.66 -0.77
CA PRO A 388 -15.28 18.77 -1.71
C PRO A 388 -15.06 20.13 -1.10
N LYS A 389 -15.45 20.31 0.17
CA LYS A 389 -15.20 21.58 0.84
C LYS A 389 -13.71 21.92 0.84
N HIS A 390 -12.87 20.98 1.28
CA HIS A 390 -11.45 21.28 1.37
C HIS A 390 -10.83 21.47 -0.01
N LEU A 391 -11.20 20.62 -0.97
CA LEU A 391 -10.67 20.79 -2.32
C LEU A 391 -11.04 22.16 -2.88
N HIS A 392 -12.26 22.62 -2.63
CA HIS A 392 -12.65 23.96 -3.06
C HIS A 392 -11.83 25.02 -2.34
N SER A 393 -11.54 24.81 -1.05
CA SER A 393 -10.69 25.75 -0.33
C SER A 393 -9.32 25.85 -0.98
N LEU A 394 -8.84 24.75 -1.57
CA LEU A 394 -7.60 24.74 -2.33
C LEU A 394 -7.79 25.21 -3.76
N ASN A 395 -8.97 25.70 -4.13
CA ASN A 395 -9.29 26.17 -5.47
C ASN A 395 -9.16 25.07 -6.53
N LEU A 396 -9.06 23.81 -6.12
CA LEU A 396 -9.01 22.72 -7.08
C LEU A 396 -10.40 22.30 -7.56
N LEU A 397 -11.45 22.76 -6.89
CA LEU A 397 -12.82 22.56 -7.33
C LEU A 397 -13.59 23.86 -7.18
N SER A 398 -14.51 24.09 -8.10
CA SER A 398 -15.52 25.11 -7.89
C SER A 398 -16.49 24.63 -6.82
N SER A 399 -17.00 25.58 -6.03
CA SER A 399 -17.84 25.23 -4.89
C SER A 399 -19.01 24.36 -5.33
N GLU A 400 -19.40 23.42 -4.47
CA GLU A 400 -20.54 22.56 -4.72
C GLU A 400 -21.62 22.81 -3.67
N GLY A 401 -22.87 22.59 -4.07
CA GLY A 401 -23.96 22.58 -3.12
C GLY A 401 -24.10 21.22 -2.47
N GLY A 402 -24.34 21.22 -1.16
CA GLY A 402 -24.42 19.99 -0.41
C GLY A 402 -25.73 19.25 -0.55
N SER A 403 -26.01 18.78 -1.76
CA SER A 403 -27.26 18.07 -2.03
C SER A 403 -27.10 16.58 -1.70
N ASP A 404 -28.19 15.83 -1.89
CA ASP A 404 -28.12 14.38 -1.79
C ASP A 404 -27.34 13.80 -2.97
N GLU A 405 -27.57 14.34 -4.16
CA GLU A 405 -26.88 13.82 -5.35
C GLU A 405 -25.38 14.08 -5.30
N HIS A 406 -24.97 15.20 -4.71
CA HIS A 406 -23.53 15.47 -4.59
C HIS A 406 -22.89 14.63 -3.49
N ASP A 407 -23.66 14.24 -2.47
CA ASP A 407 -23.14 13.31 -1.46
C ASP A 407 -22.90 11.94 -2.07
N ILE A 408 -23.87 11.42 -2.84
CA ILE A 408 -23.71 10.11 -3.45
C ILE A 408 -22.54 10.12 -4.42
N ASN A 409 -22.41 11.19 -5.21
CA ASN A 409 -21.27 11.31 -6.11
C ASN A 409 -19.96 11.25 -5.36
N PHE A 410 -19.87 11.99 -4.24
CA PHE A 410 -18.62 12.01 -3.49
C PHE A 410 -18.35 10.67 -2.83
N LEU A 411 -19.35 10.07 -2.19
CA LEU A 411 -19.18 8.75 -1.62
C LEU A 411 -18.78 7.73 -2.69
N MET A 412 -19.38 7.85 -3.88
CA MET A 412 -19.00 6.98 -4.98
C MET A 412 -17.52 7.14 -5.30
N LYS A 413 -17.05 8.39 -5.46
CA LYS A 413 -15.64 8.64 -5.70
C LYS A 413 -14.78 7.96 -4.63
N MET A 414 -15.08 8.25 -3.35
CA MET A 414 -14.29 7.67 -2.26
C MET A 414 -14.37 6.15 -2.27
N ALA A 415 -15.56 5.61 -2.56
CA ALA A 415 -15.73 4.16 -2.55
C ALA A 415 -14.91 3.50 -3.66
N LEU A 416 -14.84 4.13 -4.83
CA LEU A 416 -14.08 3.55 -5.93
C LEU A 416 -12.62 3.31 -5.54
N ASP A 417 -12.10 4.08 -4.59
CA ASP A 417 -10.75 3.86 -4.08
C ASP A 417 -10.75 2.99 -2.83
N LYS A 418 -11.51 3.39 -1.81
CA LYS A 418 -11.39 2.73 -0.50
C LYS A 418 -12.04 1.36 -0.49
N ILE A 419 -13.23 1.23 -1.06
CA ILE A 419 -13.95 -0.04 -1.01
C ILE A 419 -13.37 -1.03 -2.00
N ALA A 420 -13.07 -0.58 -3.23
CA ALA A 420 -12.47 -1.46 -4.22
C ALA A 420 -11.16 -2.04 -3.75
N PHE A 421 -10.39 -1.30 -2.95
CA PHE A 421 -9.08 -1.74 -2.51
C PHE A 421 -9.16 -2.85 -1.47
N ILE A 422 -10.31 -3.03 -0.82
CA ILE A 422 -10.43 -3.96 0.29
C ILE A 422 -10.14 -5.38 -0.17
N PRO A 423 -10.83 -5.90 -1.19
CA PRO A 423 -10.53 -7.28 -1.62
C PRO A 423 -9.16 -7.44 -2.24
N PHE A 424 -8.62 -6.40 -2.89
CA PHE A 424 -7.28 -6.53 -3.45
C PHE A 424 -6.23 -6.61 -2.35
N SER A 425 -6.30 -5.68 -1.39
CA SER A 425 -5.33 -5.68 -0.29
C SER A 425 -5.43 -6.96 0.52
N TYR A 426 -6.60 -7.59 0.53
CA TYR A 426 -6.77 -8.84 1.28
C TYR A 426 -6.09 -10.00 0.58
N LEU A 427 -6.22 -10.07 -0.75
CA LEU A 427 -5.81 -11.27 -1.48
C LEU A 427 -4.31 -11.34 -1.74
N VAL A 428 -3.61 -10.21 -1.75
CA VAL A 428 -2.18 -10.22 -2.09
C VAL A 428 -1.43 -11.18 -1.16
N ASP A 429 -1.60 -11.02 0.15
CA ASP A 429 -0.89 -11.88 1.08
C ASP A 429 -1.60 -13.20 1.33
N GLN A 430 -2.90 -13.31 1.03
CA GLN A 430 -3.51 -14.63 0.96
C GLN A 430 -2.74 -15.50 -0.03
N TRP A 431 -2.36 -14.91 -1.17
CA TRP A 431 -1.54 -15.61 -2.14
C TRP A 431 -0.15 -15.91 -1.58
N ARG A 432 0.53 -14.87 -1.07
CA ARG A 432 1.91 -15.06 -0.61
C ARG A 432 1.97 -15.98 0.59
N TRP A 433 1.05 -15.83 1.54
CA TRP A 433 1.03 -16.73 2.69
C TRP A 433 1.00 -18.19 2.25
N ARG A 434 0.24 -18.47 1.18
CA ARG A 434 0.12 -19.84 0.70
C ARG A 434 1.30 -20.24 -0.17
N VAL A 435 1.96 -19.28 -0.82
CA VAL A 435 3.25 -19.57 -1.43
C VAL A 435 4.26 -19.93 -0.35
N PHE A 436 4.28 -19.16 0.74
CA PHE A 436 5.27 -19.36 1.79
C PHE A 436 5.04 -20.67 2.54
N ASP A 437 3.78 -21.05 2.77
CA ASP A 437 3.52 -22.29 3.49
C ASP A 437 3.54 -23.51 2.57
N GLY A 438 3.78 -23.34 1.28
CA GLY A 438 4.00 -24.44 0.37
C GLY A 438 2.77 -24.95 -0.36
N SER A 439 1.59 -24.38 -0.11
CA SER A 439 0.41 -24.83 -0.81
C SER A 439 0.31 -24.27 -2.23
N ILE A 440 1.11 -23.26 -2.56
CA ILE A 440 1.27 -22.77 -3.92
C ILE A 440 2.73 -22.90 -4.29
N THR A 441 3.00 -23.57 -5.41
CA THR A 441 4.36 -23.72 -5.93
C THR A 441 4.47 -23.02 -7.27
N LYS A 442 5.69 -23.01 -7.82
CA LYS A 442 5.93 -22.28 -9.06
C LYS A 442 5.06 -22.81 -10.19
N GLU A 443 4.67 -24.09 -10.14
CA GLU A 443 3.84 -24.65 -11.20
C GLU A 443 2.45 -24.03 -11.25
N ASN A 444 1.98 -23.39 -10.16
CA ASN A 444 0.66 -22.77 -10.20
C ASN A 444 0.65 -21.39 -9.53
N TYR A 445 1.79 -20.70 -9.50
CA TYR A 445 1.84 -19.31 -9.06
C TYR A 445 0.71 -18.49 -9.67
N ASN A 446 0.69 -18.42 -11.00
CA ASN A 446 -0.22 -17.52 -11.71
C ASN A 446 -1.65 -18.02 -11.63
N GLN A 447 -1.83 -19.34 -11.68
CA GLN A 447 -3.18 -19.90 -11.68
C GLN A 447 -3.90 -19.58 -10.37
N GLU A 448 -3.22 -19.78 -9.25
CA GLU A 448 -3.83 -19.49 -7.96
C GLU A 448 -3.96 -17.98 -7.73
N TRP A 449 -3.07 -17.19 -8.32
CA TRP A 449 -3.21 -15.74 -8.26
C TRP A 449 -4.54 -15.32 -8.89
N TRP A 450 -4.84 -15.81 -10.09
CA TRP A 450 -6.07 -15.41 -10.76
C TRP A 450 -7.29 -16.07 -10.13
N SER A 451 -7.15 -17.28 -9.57
CA SER A 451 -8.25 -17.86 -8.81
C SER A 451 -8.66 -16.94 -7.67
N LEU A 452 -7.68 -16.33 -6.99
CA LEU A 452 -8.00 -15.40 -5.91
C LEU A 452 -8.50 -14.07 -6.44
N ARG A 453 -7.89 -13.57 -7.51
CA ARG A 453 -8.41 -12.37 -8.18
C ARG A 453 -9.88 -12.55 -8.53
N LEU A 454 -10.26 -13.75 -8.99
CA LEU A 454 -11.67 -14.03 -9.27
C LEU A 454 -12.47 -14.09 -7.98
N LYS A 455 -12.01 -14.88 -7.01
CA LYS A 455 -12.79 -15.13 -5.80
C LYS A 455 -13.08 -13.84 -5.04
N TYR A 456 -12.05 -13.01 -4.82
CA TYR A 456 -12.17 -11.86 -3.94
C TYR A 456 -12.58 -10.58 -4.66
N GLN A 457 -12.02 -10.32 -5.85
CA GLN A 457 -12.31 -9.09 -6.57
C GLN A 457 -13.36 -9.25 -7.66
N GLY A 458 -13.65 -10.46 -8.09
CA GLY A 458 -14.54 -10.65 -9.22
C GLY A 458 -13.97 -10.11 -10.52
N LEU A 459 -12.68 -10.32 -10.75
CA LEU A 459 -12.02 -9.89 -11.97
C LEU A 459 -11.51 -11.10 -12.75
N CYS A 460 -11.40 -10.93 -14.06
CA CYS A 460 -10.84 -11.93 -14.95
C CYS A 460 -9.76 -11.28 -15.81
N PRO A 461 -8.78 -12.07 -16.29
CA PRO A 461 -7.76 -11.51 -17.17
C PRO A 461 -8.30 -11.32 -18.57
N PRO A 462 -8.07 -10.16 -19.19
CA PRO A 462 -8.64 -9.93 -20.54
C PRO A 462 -7.98 -10.75 -21.63
N VAL A 463 -6.83 -11.37 -21.37
CA VAL A 463 -6.24 -12.31 -22.32
C VAL A 463 -5.85 -13.58 -21.55
N PRO A 464 -5.83 -14.74 -22.20
CA PRO A 464 -5.36 -15.95 -21.50
C PRO A 464 -3.95 -15.77 -20.97
N ARG A 465 -3.70 -16.34 -19.81
CA ARG A 465 -2.36 -16.34 -19.22
C ARG A 465 -1.63 -17.60 -19.67
N THR A 466 -0.44 -17.40 -20.24
CA THR A 466 0.30 -18.47 -20.89
C THR A 466 1.41 -18.99 -19.98
N GLN A 467 2.09 -20.02 -20.45
CA GLN A 467 3.29 -20.51 -19.78
C GLN A 467 4.30 -19.37 -19.65
N GLY A 468 4.84 -19.19 -18.46
CA GLY A 468 5.84 -18.18 -18.21
C GLY A 468 5.31 -16.87 -17.66
N ASP A 469 4.00 -16.71 -17.59
CA ASP A 469 3.44 -15.51 -16.98
C ASP A 469 3.60 -15.57 -15.46
N PHE A 470 3.87 -14.42 -14.86
CA PHE A 470 3.98 -14.29 -13.42
C PHE A 470 3.44 -12.91 -13.07
N ASP A 471 2.12 -12.77 -13.19
CA ASP A 471 1.48 -11.48 -12.97
C ASP A 471 1.70 -10.93 -11.56
N PRO A 472 1.82 -11.74 -10.51
CA PRO A 472 2.21 -11.17 -9.20
C PRO A 472 3.49 -10.36 -9.27
N GLY A 473 4.44 -10.79 -10.10
CA GLY A 473 5.71 -10.09 -10.21
C GLY A 473 5.59 -8.68 -10.74
N ALA A 474 4.48 -8.36 -11.42
CA ALA A 474 4.26 -7.02 -11.95
C ALA A 474 3.67 -6.07 -10.92
N LYS A 475 3.51 -6.51 -9.67
CA LYS A 475 3.04 -5.65 -8.59
C LYS A 475 4.21 -5.36 -7.66
N PHE A 476 4.55 -4.07 -7.52
CA PHE A 476 5.77 -3.63 -6.83
C PHE A 476 6.12 -4.45 -5.61
N HIS A 477 5.14 -4.69 -4.72
CA HIS A 477 5.44 -5.25 -3.41
C HIS A 477 5.88 -6.70 -3.46
N ILE A 478 5.66 -7.39 -4.57
CA ILE A 478 6.01 -8.81 -4.66
C ILE A 478 7.52 -8.92 -4.87
N PRO A 479 8.08 -8.38 -5.95
CA PRO A 479 9.55 -8.42 -6.09
C PRO A 479 10.27 -7.62 -5.02
N SER A 480 9.65 -6.57 -4.49
CA SER A 480 10.27 -5.79 -3.42
C SER A 480 10.15 -6.45 -2.05
N SER A 481 9.34 -7.50 -1.92
CA SER A 481 9.21 -8.24 -0.67
C SER A 481 8.76 -7.33 0.48
N VAL A 482 7.71 -6.57 0.22
CA VAL A 482 7.07 -5.72 1.22
C VAL A 482 5.72 -6.33 1.57
N PRO A 483 5.46 -6.68 2.83
CA PRO A 483 4.15 -7.24 3.17
C PRO A 483 3.02 -6.30 2.81
N TYR A 484 1.86 -6.87 2.52
CA TYR A 484 0.74 -6.10 1.99
C TYR A 484 -0.47 -6.02 2.89
N ILE A 485 -0.66 -6.96 3.82
CA ILE A 485 -1.85 -6.94 4.66
C ILE A 485 -1.93 -5.63 5.44
N ARG A 486 -0.77 -4.99 5.69
CA ARG A 486 -0.75 -3.69 6.34
C ARG A 486 -1.67 -2.69 5.65
N TYR A 487 -1.83 -2.80 4.34
CA TYR A 487 -2.69 -1.87 3.61
C TYR A 487 -4.16 -2.21 3.77
N PHE A 488 -4.49 -3.50 3.86
CA PHE A 488 -5.84 -3.90 4.22
C PHE A 488 -6.21 -3.37 5.59
N VAL A 489 -5.33 -3.58 6.58
CA VAL A 489 -5.57 -3.08 7.92
C VAL A 489 -5.69 -1.56 7.91
N SER A 490 -4.81 -0.90 7.16
CA SER A 490 -4.82 0.56 7.13
C SER A 490 -6.18 1.10 6.70
N PHE A 491 -6.76 0.52 5.66
CA PHE A 491 -8.00 1.07 5.11
C PHE A 491 -9.17 0.88 6.06
N ILE A 492 -9.14 -0.16 6.89
CA ILE A 492 -10.16 -0.32 7.91
C ILE A 492 -9.97 0.71 9.01
N ILE A 493 -8.79 0.75 9.60
CA ILE A 493 -8.59 1.55 10.81
C ILE A 493 -8.52 3.03 10.53
N GLN A 494 -8.16 3.45 9.31
CA GLN A 494 -8.11 4.88 9.03
C GLN A 494 -9.49 5.51 9.17
N PHE A 495 -10.55 4.72 8.93
CA PHE A 495 -11.91 5.23 9.13
C PHE A 495 -12.29 5.23 10.61
N GLN A 496 -11.83 4.24 11.38
CA GLN A 496 -11.98 4.31 12.83
C GLN A 496 -11.28 5.55 13.38
N PHE A 497 -10.10 5.86 12.85
CA PHE A 497 -9.38 7.06 13.29
C PHE A 497 -10.11 8.31 12.85
N HIS A 498 -10.51 8.37 11.58
CA HIS A 498 -11.29 9.50 11.07
C HIS A 498 -12.53 9.73 11.94
N GLU A 499 -13.27 8.66 12.22
CA GLU A 499 -14.46 8.76 13.05
C GLU A 499 -14.12 9.36 14.41
N ALA A 500 -13.08 8.85 15.06
CA ALA A 500 -12.73 9.32 16.39
C ALA A 500 -12.23 10.76 16.37
N LEU A 501 -11.36 11.10 15.41
CA LEU A 501 -10.85 12.46 15.34
C LEU A 501 -11.97 13.45 15.02
N CYS A 502 -12.90 13.06 14.14
CA CYS A 502 -14.02 13.92 13.81
C CYS A 502 -14.92 14.14 15.02
N GLN A 503 -15.21 13.07 15.77
CA GLN A 503 -15.98 13.22 16.99
C GLN A 503 -15.25 14.09 18.00
N ALA A 504 -13.94 13.93 18.11
CA ALA A 504 -13.16 14.75 19.03
C ALA A 504 -13.18 16.22 18.63
N ALA A 505 -13.03 16.50 17.33
CA ALA A 505 -13.00 17.88 16.86
C ALA A 505 -14.34 18.57 16.95
N GLY A 506 -15.38 17.88 17.42
CA GLY A 506 -16.70 18.47 17.54
C GLY A 506 -17.59 18.30 16.33
N HIS A 507 -17.06 17.78 15.23
CA HIS A 507 -17.88 17.59 14.04
C HIS A 507 -19.07 16.69 14.35
N THR A 508 -20.25 17.16 13.97
CA THR A 508 -21.47 16.37 14.04
C THR A 508 -21.99 16.16 12.62
N GLY A 509 -22.93 15.24 12.48
CA GLY A 509 -23.56 14.98 11.20
C GLY A 509 -22.88 13.87 10.43
N PRO A 510 -23.15 13.80 9.12
CA PRO A 510 -22.56 12.71 8.32
C PRO A 510 -21.04 12.71 8.43
N LEU A 511 -20.48 11.51 8.59
CA LEU A 511 -19.04 11.39 8.78
C LEU A 511 -18.27 11.82 7.54
N HIS A 512 -18.83 11.61 6.34
CA HIS A 512 -18.10 11.94 5.11
C HIS A 512 -17.97 13.44 4.88
N LYS A 513 -18.69 14.27 5.63
CA LYS A 513 -18.57 15.72 5.51
C LYS A 513 -17.57 16.31 6.51
N CYS A 514 -16.81 15.47 7.21
CA CYS A 514 -15.91 15.94 8.24
C CYS A 514 -14.55 16.34 7.66
N ASP A 515 -14.01 17.44 8.17
CA ASP A 515 -12.70 17.95 7.76
C ASP A 515 -11.97 18.37 9.04
N ILE A 516 -10.95 17.60 9.42
CA ILE A 516 -10.27 17.82 10.69
C ILE A 516 -9.20 18.89 10.56
N TYR A 517 -9.18 19.59 9.42
CA TYR A 517 -8.22 20.68 9.22
C TYR A 517 -8.31 21.67 10.37
N GLN A 518 -7.16 21.99 10.96
CA GLN A 518 -6.97 22.94 12.05
C GLN A 518 -7.33 22.35 13.42
N SER A 519 -7.72 21.08 13.50
CA SER A 519 -8.14 20.50 14.78
C SER A 519 -6.90 20.16 15.60
N LYS A 520 -6.57 21.01 16.56
CA LYS A 520 -5.49 20.71 17.49
C LYS A 520 -5.84 19.50 18.35
N GLU A 521 -7.12 19.30 18.65
CA GLU A 521 -7.54 18.12 19.39
C GLU A 521 -7.20 16.84 18.63
N ALA A 522 -7.47 16.83 17.32
CA ALA A 522 -7.13 15.67 16.51
C ALA A 522 -5.63 15.46 16.46
N GLY A 523 -4.85 16.55 16.41
CA GLY A 523 -3.41 16.43 16.40
C GLY A 523 -2.88 15.81 17.67
N GLN A 524 -3.31 16.34 18.81
CA GLN A 524 -2.86 15.80 20.09
C GLN A 524 -3.16 14.31 20.20
N ARG A 525 -4.36 13.89 19.78
CA ARG A 525 -4.73 12.48 19.90
C ARG A 525 -3.83 11.62 19.03
N LEU A 526 -3.55 12.05 17.80
CA LEU A 526 -2.65 11.28 16.94
C LEU A 526 -1.23 11.29 17.48
N ALA A 527 -0.79 12.41 18.06
CA ALA A 527 0.58 12.50 18.56
C ALA A 527 0.84 11.51 19.68
N THR A 528 -0.01 11.53 20.73
CA THR A 528 0.22 10.66 21.87
C THR A 528 0.24 9.20 21.46
N ALA A 529 -0.53 8.83 20.42
CA ALA A 529 -0.52 7.45 19.94
C ALA A 529 0.75 7.14 19.17
N MET A 530 1.14 8.03 18.25
CA MET A 530 2.37 7.83 17.49
C MET A 530 3.59 7.79 18.40
N LYS A 531 3.56 8.55 19.51
CA LYS A 531 4.70 8.56 20.42
C LYS A 531 4.91 7.21 21.08
N LEU A 532 3.85 6.41 21.21
CA LEU A 532 3.99 5.09 21.80
C LEU A 532 4.87 4.17 20.97
N GLY A 533 5.01 4.44 19.68
CA GLY A 533 5.75 3.55 18.79
C GLY A 533 5.28 2.12 18.95
N PHE A 534 6.20 1.24 19.34
CA PHE A 534 5.89 -0.18 19.51
C PHE A 534 6.02 -0.61 20.97
N SER A 535 5.98 0.34 21.91
CA SER A 535 6.23 0.03 23.31
C SER A 535 5.04 -0.64 24.00
N ARG A 536 3.84 -0.53 23.43
CA ARG A 536 2.66 -1.18 23.98
C ARG A 536 1.98 -1.97 22.87
N PRO A 537 1.31 -3.07 23.21
CA PRO A 537 0.55 -3.80 22.19
C PRO A 537 -0.45 -2.87 21.51
N TRP A 538 -0.65 -3.09 20.21
CA TRP A 538 -1.40 -2.12 19.43
C TRP A 538 -2.83 -1.89 19.89
N PRO A 539 -3.52 -2.83 20.55
CA PRO A 539 -4.89 -2.51 21.02
C PRO A 539 -4.93 -1.33 21.98
N GLU A 540 -3.88 -1.13 22.78
CA GLU A 540 -3.85 0.02 23.68
C GLU A 540 -3.80 1.33 22.89
N ALA A 541 -3.05 1.34 21.79
CA ALA A 541 -3.05 2.52 20.92
C ALA A 541 -4.40 2.68 20.23
N MET A 542 -4.99 1.58 19.78
CA MET A 542 -6.32 1.65 19.19
C MET A 542 -7.32 2.29 20.15
N GLN A 543 -7.26 1.90 21.42
CA GLN A 543 -8.25 2.41 22.39
C GLN A 543 -7.99 3.86 22.75
N LEU A 544 -6.72 4.25 22.86
CA LEU A 544 -6.39 5.65 23.10
C LEU A 544 -7.02 6.54 22.04
N ILE A 545 -6.95 6.13 20.77
CA ILE A 545 -7.50 6.96 19.70
C ILE A 545 -9.02 6.85 19.64
N THR A 546 -9.55 5.63 19.64
CA THR A 546 -10.94 5.40 19.26
C THR A 546 -11.87 5.17 20.45
N GLY A 547 -11.34 4.74 21.59
CA GLY A 547 -12.18 4.37 22.72
C GLY A 547 -12.50 2.90 22.81
N GLN A 548 -12.07 2.09 21.86
CA GLN A 548 -12.25 0.65 21.91
C GLN A 548 -10.99 0.00 21.37
N PRO A 549 -10.74 -1.26 21.71
CA PRO A 549 -9.45 -1.89 21.38
C PRO A 549 -9.40 -2.72 20.10
N GLN A 550 -10.50 -2.86 19.37
CA GLN A 550 -10.57 -3.80 18.27
C GLN A 550 -10.41 -3.10 16.92
N MET A 551 -10.03 -3.88 15.92
CA MET A 551 -10.25 -3.50 14.52
C MET A 551 -11.71 -3.72 14.20
N SER A 552 -12.36 -2.70 13.65
CA SER A 552 -13.78 -2.79 13.33
C SER A 552 -14.07 -2.08 12.02
N ALA A 553 -14.81 -2.76 11.14
CA ALA A 553 -15.25 -2.18 9.89
C ALA A 553 -16.46 -1.26 10.05
N SER A 554 -16.96 -1.08 11.28
CA SER A 554 -18.19 -0.32 11.46
C SER A 554 -18.00 1.15 11.10
N ALA A 555 -16.85 1.72 11.43
CA ALA A 555 -16.60 3.12 11.07
C ALA A 555 -16.63 3.31 9.57
N MET A 556 -15.98 2.42 8.83
CA MET A 556 -16.01 2.48 7.37
C MET A 556 -17.43 2.32 6.84
N LEU A 557 -18.17 1.35 7.37
CA LEU A 557 -19.54 1.13 6.94
C LEU A 557 -20.44 2.31 7.27
N SER A 558 -20.20 2.97 8.40
CA SER A 558 -20.98 4.17 8.74
C SER A 558 -20.66 5.31 7.77
N TYR A 559 -19.38 5.46 7.41
CA TYR A 559 -18.98 6.46 6.43
C TYR A 559 -19.74 6.27 5.11
N PHE A 560 -19.86 5.04 4.64
CA PHE A 560 -20.46 4.74 3.34
C PHE A 560 -21.92 4.33 3.42
N LYS A 561 -22.56 4.45 4.59
CA LYS A 561 -23.95 4.02 4.73
C LYS A 561 -24.87 4.65 3.69
N PRO A 562 -24.86 5.96 3.46
CA PRO A 562 -25.73 6.51 2.40
C PRO A 562 -25.50 5.89 1.03
N LEU A 563 -24.26 5.53 0.71
CA LEU A 563 -23.97 4.94 -0.59
C LEU A 563 -24.44 3.49 -0.64
N LEU A 564 -24.19 2.72 0.41
CA LEU A 564 -24.67 1.34 0.45
C LEU A 564 -26.17 1.27 0.22
N ASP A 565 -26.94 2.13 0.92
CA ASP A 565 -28.38 2.16 0.72
C ASP A 565 -28.73 2.48 -0.72
N TRP A 566 -28.04 3.46 -1.30
CA TRP A 566 -28.35 3.87 -2.68
C TRP A 566 -28.00 2.77 -3.67
N LEU A 567 -26.87 2.09 -3.47
CA LEU A 567 -26.45 1.04 -4.40
C LEU A 567 -27.39 -0.16 -4.32
N ARG A 568 -27.74 -0.59 -3.10
CA ARG A 568 -28.64 -1.73 -2.94
C ARG A 568 -29.94 -1.51 -3.71
N THR A 569 -30.55 -0.33 -3.52
CA THR A 569 -31.77 0.00 -4.25
C THR A 569 -31.54 0.02 -5.74
N GLU A 570 -30.52 0.76 -6.19
CA GLU A 570 -30.25 0.90 -7.62
C GLU A 570 -30.06 -0.46 -8.27
N ASN A 571 -29.24 -1.32 -7.65
CA ASN A 571 -28.95 -2.63 -8.24
C ASN A 571 -30.17 -3.54 -8.22
N GLU A 572 -30.97 -3.47 -7.15
N GLU A 572 -30.98 -3.47 -7.15
CA GLU A 572 -32.17 -4.31 -7.07
CA GLU A 572 -32.16 -4.31 -7.06
C GLU A 572 -33.18 -3.94 -8.14
C GLU A 572 -33.19 -3.93 -8.13
N LEU A 573 -33.44 -2.63 -8.29
CA LEU A 573 -34.40 -2.19 -9.29
C LEU A 573 -33.92 -2.50 -10.71
N HIS A 574 -32.61 -2.51 -10.92
CA HIS A 574 -32.07 -2.87 -12.22
C HIS A 574 -31.96 -4.37 -12.43
N GLY A 575 -32.27 -5.17 -11.42
CA GLY A 575 -32.19 -6.62 -11.55
C GLY A 575 -30.79 -7.16 -11.61
N GLU A 576 -29.83 -6.49 -10.98
CA GLU A 576 -28.45 -6.95 -11.01
C GLU A 576 -28.32 -8.25 -10.22
N LYS A 577 -27.49 -9.15 -10.73
CA LYS A 577 -27.04 -10.31 -9.97
C LYS A 577 -25.76 -9.93 -9.25
N LEU A 578 -25.81 -9.84 -7.93
CA LEU A 578 -24.62 -9.56 -7.15
C LEU A 578 -23.70 -10.77 -7.18
N GLY A 579 -22.43 -10.53 -7.46
CA GLY A 579 -21.48 -11.61 -7.68
C GLY A 579 -21.22 -11.86 -9.15
N TRP A 580 -20.54 -12.96 -9.41
CA TRP A 580 -20.05 -13.25 -10.76
C TRP A 580 -20.00 -14.76 -10.97
N PRO A 581 -21.13 -15.46 -10.97
CA PRO A 581 -21.09 -16.92 -11.14
C PRO A 581 -20.58 -17.36 -12.50
N GLN A 582 -20.70 -16.53 -13.54
CA GLN A 582 -20.34 -16.91 -14.90
C GLN A 582 -18.95 -16.37 -15.22
N TYR A 583 -17.93 -17.19 -14.94
CA TYR A 583 -16.57 -16.80 -15.28
C TYR A 583 -16.16 -17.25 -16.67
N ASN A 584 -16.84 -18.24 -17.25
CA ASN A 584 -16.43 -18.83 -18.52
C ASN A 584 -17.34 -18.34 -19.64
N TRP A 585 -17.18 -17.07 -19.98
CA TRP A 585 -17.93 -16.42 -21.05
C TRP A 585 -16.94 -15.76 -22.01
N THR A 586 -17.42 -15.42 -23.20
CA THR A 586 -16.61 -14.77 -24.21
C THR A 586 -17.46 -13.78 -24.99
N PRO A 587 -16.83 -12.84 -25.70
CA PRO A 587 -17.57 -12.00 -26.65
C PRO A 587 -18.14 -12.82 -27.79
N ASN A 588 -19.22 -12.33 -28.38
CA ASN A 588 -19.78 -12.95 -29.57
C ASN A 588 -18.88 -12.70 -30.78
N SER A 589 -18.79 -13.68 -31.65
CA SER A 589 -18.09 -13.54 -32.92
C SER A 589 -19.08 -13.08 -33.99
N ALA A 590 -18.87 -11.87 -34.50
CA ALA A 590 -19.74 -11.33 -35.55
C ALA A 590 -19.77 -12.26 -36.74
N ARG A 591 -20.95 -12.38 -37.37
CA ARG A 591 -21.11 -13.25 -38.53
C ARG A 591 -20.34 -12.69 -39.72
N SER A 592 -19.59 -13.57 -40.41
CA SER A 592 -18.87 -13.21 -41.62
C SER A 592 -19.67 -13.76 -42.80
N GLU A 593 -20.55 -12.92 -43.36
CA GLU A 593 -21.38 -13.32 -44.48
C GLU A 593 -20.66 -13.03 -45.80
N GLY A 594 -20.92 -13.87 -46.80
CA GLY A 594 -20.38 -13.68 -48.13
C GLY A 594 -21.19 -12.70 -48.93
N PRO A 595 -20.93 -12.60 -50.24
CA PRO A 595 -19.91 -13.32 -51.02
C PRO A 595 -18.49 -12.97 -50.57
N LEU A 596 -17.52 -13.81 -50.93
CA LEU A 596 -16.16 -13.65 -50.43
C LEU A 596 -15.21 -13.33 -51.57
N PRO A 597 -14.66 -12.11 -51.64
CA PRO A 597 -13.58 -11.81 -52.60
C PRO A 597 -12.36 -12.71 -52.40
#